data_1YC9
#
_entry.id   1YC9
#
_cell.length_a   71.458
_cell.length_b   71.458
_cell.length_c   190.702
_cell.angle_alpha   90.00
_cell.angle_beta   90.00
_cell.angle_gamma   120.00
#
_symmetry.space_group_name_H-M   'P 3 2 1'
#
loop_
_entity.id
_entity.type
_entity.pdbx_description
1 polymer 'multidrug resistance protein'
2 non-polymer 'octyl beta-D-glucopyranoside'
3 non-polymer 'MERCURY (II) ION'
4 water water
#
_entity_poly.entity_id   1
_entity_poly.type   'polypeptide(L)'
_entity_poly.pdbx_seq_one_letter_code
;MWEANELSSTNTFSHQAEMDWPSANWWQRYQDAQLNHLIEEALQHSPSLCMAMARLKGAQGFARQAGAIRSFDLGLAASA
TESKVSERYQSATPPDGWNDYGTLTLNFQYDFDFWGKNRAAVVAATSELAAAEAESVAARLMISTSIANAYAELARLYAN
QETVHAALQVRNKTVELLEKRYANGLETLGSVSQAKAVAASVEAELLGIQESIQLQKNALAALVGQGPDRAASIEEPHIT
LTSRYGLPSEAGVGLLGHRADITAARWRAEAAAQQVGIAQAQFYPDVTLSAFIGYQAFGLDHLFDSGNDAGAIGPAIYLP
LFTGGRLEGQLTSAEARYQEAVAQYNGTLVQALHEIADVVTSSQALQARINKTEQAVQQAEQALHIATNRYQGGLATYLD
VLVAEESLLNNQRALVNLQSRAFSLDLALIHALGGGFETTES
;
_entity_poly.pdbx_strand_id   A
#
loop_
_chem_comp.id
_chem_comp.type
_chem_comp.name
_chem_comp.formula
BOG D-saccharide 'octyl beta-D-glucopyranoside' 'C14 H28 O6'
HG non-polymer 'MERCURY (II) ION' 'Hg 2'
#
# COMPACT_ATOMS: atom_id res chain seq x y z
N TRP A 21 14.07 -15.97 7.64
CA TRP A 21 12.76 -15.39 8.03
C TRP A 21 11.83 -15.26 6.78
N PRO A 22 10.81 -14.39 6.75
CA PRO A 22 9.99 -14.23 5.53
C PRO A 22 10.72 -14.23 4.18
N SER A 23 10.46 -15.28 3.38
CA SER A 23 10.88 -15.40 1.97
C SER A 23 10.44 -14.19 1.09
N ALA A 24 10.95 -14.12 -0.16
CA ALA A 24 10.46 -13.14 -1.13
C ALA A 24 9.03 -13.48 -1.53
N ASN A 25 8.83 -14.74 -1.98
CA ASN A 25 7.50 -15.31 -2.21
C ASN A 25 7.01 -16.12 -1.00
N TRP A 26 6.88 -15.42 0.11
CA TRP A 26 6.65 -16.00 1.43
C TRP A 26 5.37 -16.81 1.58
N TRP A 27 4.37 -16.52 0.74
CA TRP A 27 3.08 -17.21 0.78
C TRP A 27 3.21 -18.68 0.39
N GLN A 28 4.28 -19.00 -0.34
CA GLN A 28 4.53 -20.37 -0.74
C GLN A 28 4.74 -21.30 0.44
N ARG A 29 5.15 -20.76 1.58
CA ARG A 29 5.37 -21.61 2.73
C ARG A 29 4.10 -22.29 3.23
N TYR A 30 2.90 -21.80 2.83
CA TYR A 30 1.64 -22.42 3.25
C TYR A 30 1.20 -23.62 2.39
N GLN A 31 1.90 -23.85 1.28
CA GLN A 31 1.79 -25.11 0.53
C GLN A 31 0.41 -25.23 -0.08
N ASP A 32 -0.16 -24.09 -0.43
CA ASP A 32 -1.48 -24.02 -1.04
C ASP A 32 -1.40 -23.38 -2.42
N ALA A 33 -1.44 -24.22 -3.45
CA ALA A 33 -1.24 -23.69 -4.79
C ALA A 33 -2.29 -22.76 -5.38
N GLN A 34 -3.55 -22.93 -5.03
CA GLN A 34 -4.51 -21.86 -4.86
C GLN A 34 -4.09 -20.49 -4.39
N LEU A 35 -3.57 -20.41 -3.18
CA LEU A 35 -3.11 -19.13 -2.66
C LEU A 35 -2.01 -18.60 -3.55
N ASN A 36 -1.04 -19.46 -3.84
CA ASN A 36 0.06 -19.11 -4.73
C ASN A 36 -0.42 -18.51 -6.03
N HIS A 37 -1.40 -19.14 -6.65
CA HIS A 37 -1.90 -18.69 -7.94
C HIS A 37 -2.61 -17.32 -7.86
N LEU A 38 -3.42 -17.13 -6.82
CA LEU A 38 -4.09 -15.86 -6.56
C LEU A 38 -3.09 -14.72 -6.42
N ILE A 39 -2.05 -14.94 -5.61
CA ILE A 39 -1.10 -13.86 -5.40
C ILE A 39 -0.30 -13.63 -6.70
N GLU A 40 0.14 -14.71 -7.33
CA GLU A 40 0.87 -14.61 -8.58
C GLU A 40 0.12 -13.87 -9.68
N GLU A 41 -1.17 -14.15 -9.83
CA GLU A 41 -2.04 -13.42 -10.76
C GLU A 41 -2.05 -11.92 -10.48
N ALA A 42 -2.27 -11.56 -9.21
CA ALA A 42 -2.34 -10.17 -8.78
C ALA A 42 -1.02 -9.45 -9.03
N LEU A 43 0.12 -10.13 -8.77
CA LEU A 43 1.42 -9.51 -8.99
C LEU A 43 1.90 -9.45 -10.46
N GLN A 44 1.20 -10.14 -11.35
CA GLN A 44 1.56 -10.13 -12.77
C GLN A 44 0.83 -9.02 -13.50
N HIS A 45 -0.47 -8.95 -13.28
CA HIS A 45 -1.32 -7.92 -13.84
C HIS A 45 -2.55 -7.78 -12.94
N SER A 46 -2.73 -6.58 -12.38
CA SER A 46 -3.93 -6.22 -11.62
C SER A 46 -3.86 -4.69 -11.51
N PRO A 47 -4.98 -4.00 -11.31
CA PRO A 47 -4.95 -2.54 -11.15
C PRO A 47 -4.06 -2.01 -10.01
N SER A 48 -4.07 -2.66 -8.86
CA SER A 48 -3.23 -2.22 -7.76
C SER A 48 -1.76 -2.34 -8.11
N LEU A 49 -1.42 -3.40 -8.81
CA LEU A 49 -0.08 -3.58 -9.34
C LEU A 49 0.28 -2.43 -10.26
N CYS A 50 -0.55 -2.20 -11.26
CA CYS A 50 -0.25 -1.21 -12.27
C CYS A 50 -0.13 0.20 -11.70
N MET A 51 -0.95 0.54 -10.70
CA MET A 51 -0.90 1.84 -10.10
C MET A 51 0.44 1.99 -9.38
N ALA A 52 0.86 0.96 -8.68
CA ALA A 52 2.14 0.97 -8.00
C ALA A 52 3.33 1.16 -8.98
N MET A 53 3.33 0.42 -10.08
CA MET A 53 4.31 0.52 -11.17
CA MET A 53 4.38 0.56 -11.06
C MET A 53 4.35 1.97 -11.69
N ALA A 54 3.16 2.52 -11.90
CA ALA A 54 3.00 3.87 -12.44
C ALA A 54 3.55 4.94 -11.51
N ARG A 55 3.26 4.79 -10.22
CA ARG A 55 3.77 5.71 -9.21
C ARG A 55 5.28 5.67 -9.05
N LEU A 56 5.89 4.52 -9.35
CA LEU A 56 7.34 4.42 -9.34
C LEU A 56 7.88 5.12 -10.60
N LYS A 57 7.29 4.85 -11.76
CA LYS A 57 7.72 5.46 -12.99
C LYS A 57 7.62 6.99 -12.88
N GLY A 58 6.60 7.46 -12.19
CA GLY A 58 6.41 8.88 -11.96
C GLY A 58 7.59 9.49 -11.24
N ALA A 59 7.98 8.84 -10.17
CA ALA A 59 9.11 9.31 -9.36
C ALA A 59 10.40 9.28 -10.20
N GLN A 60 10.52 8.30 -11.08
CA GLN A 60 11.65 8.21 -12.00
C GLN A 60 11.69 9.42 -12.93
N GLY A 61 10.55 9.72 -13.54
CA GLY A 61 10.43 10.93 -14.34
C GLY A 61 10.70 12.20 -13.60
N PHE A 62 10.27 12.28 -12.35
CA PHE A 62 10.50 13.48 -11.56
C PHE A 62 12.00 13.62 -11.31
N ALA A 63 12.65 12.51 -10.99
CA ALA A 63 14.08 12.52 -10.72
C ALA A 63 14.86 12.94 -11.97
N ARG A 64 14.46 12.42 -13.11
CA ARG A 64 15.04 12.82 -14.37
C ARG A 64 14.90 14.34 -14.61
N GLN A 65 13.67 14.87 -14.45
CA GLN A 65 13.45 16.29 -14.58
C GLN A 65 14.35 17.11 -13.63
N ALA A 66 14.47 16.67 -12.38
CA ALA A 66 15.29 17.39 -11.39
C ALA A 66 16.74 17.42 -11.79
N GLY A 67 17.29 16.28 -12.22
CA GLY A 67 18.67 16.22 -12.65
C GLY A 67 19.04 17.20 -13.75
N ALA A 68 18.06 17.58 -14.61
CA ALA A 68 18.26 18.61 -15.60
C ALA A 68 18.73 19.95 -15.05
N ILE A 69 18.46 20.24 -13.80
CA ILE A 69 18.90 21.51 -13.24
C ILE A 69 20.44 21.65 -13.22
N ARG A 70 21.13 20.52 -13.23
CA ARG A 70 22.60 20.56 -13.21
C ARG A 70 23.23 20.52 -14.62
N SER A 71 22.43 20.35 -15.66
CA SER A 71 22.94 20.44 -16.99
C SER A 71 22.92 21.85 -17.52
N PHE A 72 23.60 22.09 -18.63
CA PHE A 72 23.31 23.26 -19.44
C PHE A 72 22.09 22.99 -20.39
N ASP A 73 21.54 24.07 -20.93
CA ASP A 73 20.35 24.07 -21.81
CA ASP A 73 20.36 24.02 -21.80
C ASP A 73 20.72 24.74 -23.10
N LEU A 74 20.24 24.21 -24.22
CA LEU A 74 20.55 24.71 -25.51
C LEU A 74 19.16 24.77 -26.24
N GLY A 75 19.02 25.82 -27.01
CA GLY A 75 17.80 26.06 -27.78
C GLY A 75 18.06 26.85 -29.02
N LEU A 76 17.16 26.75 -30.02
CA LEU A 76 17.26 27.53 -31.21
C LEU A 76 16.09 28.52 -31.19
N ALA A 77 16.39 29.75 -31.52
CA ALA A 77 15.42 30.85 -31.53
C ALA A 77 15.48 31.52 -32.88
N ALA A 78 14.34 31.86 -33.47
CA ALA A 78 14.36 32.66 -34.65
C ALA A 78 13.14 33.58 -34.60
N SER A 79 13.25 34.67 -35.30
CA SER A 79 12.17 35.71 -35.34
C SER A 79 12.25 36.47 -36.61
N ALA A 80 11.08 36.96 -37.08
CA ALA A 80 11.04 37.89 -38.16
C ALA A 80 10.00 38.92 -37.73
N THR A 81 10.36 40.16 -37.85
CA THR A 81 9.59 41.26 -37.30
C THR A 81 9.52 42.38 -38.26
N GLU A 82 8.31 42.95 -38.42
CA GLU A 82 8.14 44.21 -39.06
C GLU A 82 7.95 45.24 -37.93
N SER A 83 8.78 46.25 -37.95
CA SER A 83 8.91 47.18 -36.82
C SER A 83 9.10 48.60 -37.31
N LYS A 84 8.45 49.53 -36.61
CA LYS A 84 8.59 50.95 -36.78
C LYS A 84 9.10 51.47 -35.43
N VAL A 85 10.22 52.14 -35.47
CA VAL A 85 10.84 52.72 -34.24
C VAL A 85 10.32 54.15 -34.10
N SER A 86 10.13 54.56 -32.85
CA SER A 86 9.86 55.96 -32.58
C SER A 86 11.03 56.87 -33.05
N GLU A 87 10.70 58.03 -33.60
CA GLU A 87 11.70 58.91 -34.16
C GLU A 87 12.54 59.59 -33.07
N ARG A 88 11.96 59.76 -31.89
CA ARG A 88 12.62 60.54 -30.81
C ARG A 88 12.37 59.86 -29.49
N TYR A 89 13.09 58.76 -29.28
CA TYR A 89 12.92 57.95 -28.11
C TYR A 89 14.30 57.53 -27.63
N GLN A 90 14.86 56.49 -28.23
CA GLN A 90 16.14 55.93 -27.78
C GLN A 90 17.26 55.93 -28.83
N SER A 91 16.95 56.22 -30.09
CA SER A 91 17.97 56.27 -31.16
C SER A 91 18.06 57.69 -31.68
N ALA A 92 19.27 58.23 -31.84
CA ALA A 92 19.38 59.52 -32.52
C ALA A 92 19.25 59.38 -34.05
N THR A 93 19.55 58.19 -34.59
CA THR A 93 19.45 57.98 -36.02
C THR A 93 18.60 56.76 -36.39
N PRO A 94 17.32 56.80 -36.04
CA PRO A 94 16.39 55.69 -36.26
C PRO A 94 16.06 55.50 -37.74
N PRO A 95 15.83 54.28 -38.15
CA PRO A 95 15.39 54.04 -39.52
C PRO A 95 14.00 54.62 -39.68
N ASP A 96 13.59 54.91 -40.88
CA ASP A 96 12.32 55.57 -41.16
C ASP A 96 11.31 54.47 -41.41
N GLY A 97 10.10 54.62 -40.89
CA GLY A 97 8.99 53.77 -41.27
C GLY A 97 9.09 52.34 -40.77
N TRP A 98 8.35 51.48 -41.44
CA TRP A 98 8.18 50.09 -41.03
C TRP A 98 9.21 49.30 -41.80
N ASN A 99 10.04 48.56 -41.09
CA ASN A 99 11.07 47.72 -41.72
C ASN A 99 11.08 46.31 -41.21
N ASP A 100 11.60 45.36 -42.02
CA ASP A 100 11.66 43.99 -41.63
C ASP A 100 13.07 43.66 -41.03
N TYR A 101 13.01 42.83 -40.00
CA TYR A 101 14.21 42.38 -39.24
C TYR A 101 14.12 40.92 -39.08
N GLY A 102 15.27 40.23 -38.98
CA GLY A 102 15.18 38.84 -38.67
C GLY A 102 16.33 38.47 -37.71
N THR A 103 16.09 37.41 -36.99
CA THR A 103 17.14 36.80 -36.16
C THR A 103 17.09 35.31 -36.23
N LEU A 104 18.25 34.67 -36.00
CA LEU A 104 18.25 33.22 -35.93
C LEU A 104 19.51 32.92 -35.08
N THR A 105 19.27 32.35 -33.88
CA THR A 105 20.33 32.16 -32.90
C THR A 105 20.23 30.81 -32.22
N LEU A 106 21.41 30.36 -31.78
CA LEU A 106 21.56 29.25 -30.89
CA LEU A 106 21.53 29.25 -30.87
C LEU A 106 21.82 29.87 -29.51
N ASN A 107 21.09 29.45 -28.50
CA ASN A 107 21.10 30.06 -27.19
C ASN A 107 21.51 28.97 -26.20
N PHE A 108 22.22 29.39 -25.14
CA PHE A 108 22.82 28.52 -24.20
C PHE A 108 22.67 29.14 -22.81
N GLN A 109 22.32 28.34 -21.84
CA GLN A 109 22.30 28.78 -20.44
C GLN A 109 22.81 27.69 -19.52
N TYR A 110 23.59 28.08 -18.50
CA TYR A 110 24.18 27.17 -17.51
C TYR A 110 24.21 27.93 -16.15
N ASP A 111 23.70 27.28 -15.14
CA ASP A 111 23.75 27.74 -13.77
C ASP A 111 24.99 27.18 -13.10
N PHE A 112 25.89 28.04 -12.61
CA PHE A 112 27.14 27.52 -11.98
C PHE A 112 27.13 26.67 -10.70
N ASP A 113 26.16 26.90 -9.86
CA ASP A 113 25.98 26.13 -8.59
C ASP A 113 27.08 26.25 -7.55
N PHE A 114 27.59 27.46 -7.33
CA PHE A 114 28.69 27.65 -6.34
C PHE A 114 28.40 27.26 -4.92
N TRP A 115 27.13 27.33 -4.51
CA TRP A 115 26.77 26.98 -3.15
C TRP A 115 26.12 25.61 -3.01
N GLY A 116 25.99 24.88 -4.11
CA GLY A 116 25.44 23.56 -4.02
C GLY A 116 23.93 23.45 -3.97
N LYS A 117 23.22 24.55 -4.17
CA LYS A 117 21.76 24.56 -4.25
C LYS A 117 21.20 23.51 -5.22
N ASN A 118 21.75 23.50 -6.42
CA ASN A 118 21.20 22.65 -7.47
C ASN A 118 21.57 21.20 -7.21
N ARG A 119 22.79 20.95 -6.76
CA ARG A 119 23.12 19.63 -6.35
C ARG A 119 22.16 19.15 -5.26
N ALA A 120 21.82 20.00 -4.26
CA ALA A 120 20.94 19.58 -3.21
C ALA A 120 19.56 19.24 -3.75
N ALA A 121 19.17 19.94 -4.78
CA ALA A 121 17.88 19.68 -5.45
C ALA A 121 17.89 18.31 -6.05
N VAL A 122 19.00 17.94 -6.67
CA VAL A 122 19.05 16.60 -7.24
C VAL A 122 19.14 15.53 -6.18
N VAL A 123 19.88 15.76 -5.10
CA VAL A 123 19.89 14.82 -3.98
C VAL A 123 18.50 14.60 -3.35
N ALA A 124 17.75 15.68 -3.25
CA ALA A 124 16.40 15.62 -2.76
C ALA A 124 15.54 14.79 -3.68
N ALA A 125 15.68 15.01 -4.98
CA ALA A 125 14.87 14.28 -5.95
C ALA A 125 15.23 12.77 -6.01
N THR A 126 16.49 12.46 -5.90
CA THR A 126 16.92 11.08 -5.91
C THR A 126 16.56 10.37 -4.61
N SER A 127 16.51 11.14 -3.49
CA SER A 127 16.06 10.61 -2.23
C SER A 127 14.59 10.30 -2.31
N GLU A 128 13.82 11.15 -2.99
CA GLU A 128 12.41 10.86 -3.23
C GLU A 128 12.23 9.64 -4.09
N LEU A 129 13.13 9.49 -5.04
CA LEU A 129 13.04 8.28 -5.86
C LEU A 129 13.34 7.04 -5.02
N ALA A 130 14.33 7.11 -4.16
CA ALA A 130 14.62 5.97 -3.28
C ALA A 130 13.45 5.66 -2.37
N ALA A 131 12.75 6.70 -1.93
CA ALA A 131 11.56 6.49 -1.16
C ALA A 131 10.47 5.84 -2.01
N ALA A 132 10.34 6.30 -3.26
CA ALA A 132 9.38 5.70 -4.18
C ALA A 132 9.67 4.21 -4.50
N GLU A 133 10.95 3.90 -4.55
CA GLU A 133 11.37 2.50 -4.77
C GLU A 133 10.93 1.63 -3.59
N ALA A 134 11.14 2.14 -2.38
CA ALA A 134 10.72 1.47 -1.16
C ALA A 134 9.20 1.35 -1.12
N GLU A 135 8.50 2.38 -1.55
CA GLU A 135 7.06 2.32 -1.53
C GLU A 135 6.52 1.29 -2.54
N SER A 136 7.23 1.07 -3.64
CA SER A 136 6.82 0.02 -4.58
C SER A 136 6.92 -1.37 -3.95
N VAL A 137 7.94 -1.58 -3.12
CA VAL A 137 8.03 -2.82 -2.34
C VAL A 137 6.88 -2.92 -1.33
N ALA A 138 6.63 -1.83 -0.60
CA ALA A 138 5.48 -1.77 0.32
C ALA A 138 4.17 -2.09 -0.41
N ALA A 139 4.05 -1.66 -1.67
CA ALA A 139 2.83 -1.89 -2.45
C ALA A 139 2.71 -3.38 -2.80
N ARG A 140 3.82 -4.00 -3.16
CA ARG A 140 3.80 -5.42 -3.38
C ARG A 140 3.31 -6.16 -2.13
N LEU A 141 3.84 -5.75 -0.98
CA LEU A 141 3.48 -6.35 0.31
C LEU A 141 2.01 -6.15 0.62
N MET A 142 1.49 -4.97 0.31
CA MET A 142 0.10 -4.64 0.58
C MET A 142 -0.84 -5.48 -0.27
N ILE A 143 -0.42 -5.76 -1.50
CA ILE A 143 -1.17 -6.64 -2.40
C ILE A 143 -1.18 -8.08 -1.92
N SER A 144 0.01 -8.61 -1.64
CA SER A 144 0.08 -10.02 -1.31
C SER A 144 -0.55 -10.27 0.06
N THR A 145 -0.33 -9.41 1.03
CA THR A 145 -0.89 -9.63 2.35
C THR A 145 -2.41 -9.40 2.33
N SER A 146 -2.90 -8.47 1.51
CA SER A 146 -4.36 -8.23 1.46
C SER A 146 -5.06 -9.49 0.94
N ILE A 147 -4.49 -10.13 -0.09
CA ILE A 147 -4.95 -11.40 -0.58
C ILE A 147 -4.84 -12.53 0.43
N ALA A 148 -3.67 -12.69 1.08
CA ALA A 148 -3.50 -13.73 2.08
C ALA A 148 -4.47 -13.59 3.25
N ASN A 149 -4.68 -12.36 3.74
CA ASN A 149 -5.63 -12.09 4.82
C ASN A 149 -7.09 -12.38 4.43
N ALA A 150 -7.43 -12.08 3.18
CA ALA A 150 -8.75 -12.39 2.67
C ALA A 150 -8.92 -13.93 2.56
N TYR A 151 -7.81 -14.60 2.22
CA TYR A 151 -7.75 -16.03 2.14
C TYR A 151 -7.87 -16.71 3.49
N ALA A 152 -7.22 -16.13 4.50
CA ALA A 152 -7.34 -16.56 5.86
C ALA A 152 -8.78 -16.57 6.31
N GLU A 153 -9.49 -15.51 5.93
CA GLU A 153 -10.87 -15.40 6.28
C GLU A 153 -11.70 -16.44 5.53
N LEU A 154 -11.40 -16.65 4.25
CA LEU A 154 -12.07 -17.68 3.46
C LEU A 154 -11.92 -19.04 4.18
N ALA A 155 -10.72 -19.34 4.63
CA ALA A 155 -10.45 -20.63 5.30
C ALA A 155 -11.24 -20.75 6.60
N ARG A 156 -11.28 -19.65 7.35
CA ARG A 156 -12.00 -19.58 8.60
C ARG A 156 -13.47 -19.84 8.34
N LEU A 157 -13.99 -19.25 7.27
CA LEU A 157 -15.40 -19.41 6.91
C LEU A 157 -15.71 -20.87 6.55
N TYR A 158 -14.85 -21.48 5.77
CA TYR A 158 -15.03 -22.89 5.38
C TYR A 158 -14.96 -23.80 6.60
N ALA A 159 -14.09 -23.48 7.57
CA ALA A 159 -14.05 -24.24 8.82
C ALA A 159 -15.34 -24.12 9.62
N ASN A 160 -15.87 -22.88 9.72
CA ASN A 160 -17.13 -22.66 10.39
C ASN A 160 -18.27 -23.37 9.62
N GLN A 161 -18.19 -23.41 8.29
CA GLN A 161 -19.15 -24.14 7.51
C GLN A 161 -19.12 -25.64 7.89
N GLU A 162 -17.94 -26.24 7.98
CA GLU A 162 -17.87 -27.66 8.28
C GLU A 162 -18.46 -27.94 9.66
N THR A 163 -18.06 -27.13 10.63
CA THR A 163 -18.52 -27.24 12.01
C THR A 163 -20.05 -27.09 12.18
N VAL A 164 -20.58 -26.09 11.50
CA VAL A 164 -22.01 -25.80 11.62
C VAL A 164 -22.85 -26.85 10.82
N HIS A 165 -22.37 -27.25 9.66
CA HIS A 165 -23.04 -28.28 8.87
C HIS A 165 -23.09 -29.61 9.66
N ALA A 166 -21.97 -29.99 10.29
CA ALA A 166 -21.92 -31.21 11.10
C ALA A 166 -22.86 -31.11 12.29
N ALA A 167 -22.89 -29.95 12.96
CA ALA A 167 -23.85 -29.75 14.01
C ALA A 167 -25.29 -29.86 13.48
N LEU A 168 -25.55 -29.30 12.29
CA LEU A 168 -26.90 -29.38 11.69
C LEU A 168 -27.33 -30.82 11.52
N GLN A 169 -26.42 -31.70 11.12
CA GLN A 169 -26.78 -33.10 10.88
C GLN A 169 -27.24 -33.74 12.17
N VAL A 170 -26.56 -33.37 13.26
CA VAL A 170 -26.90 -33.80 14.58
C VAL A 170 -28.26 -33.24 15.06
N ARG A 171 -28.47 -31.93 14.88
CA ARG A 171 -29.73 -31.29 15.24
C ARG A 171 -30.93 -31.94 14.56
N ASN A 172 -30.79 -32.30 13.29
CA ASN A 172 -31.81 -32.98 12.53
C ASN A 172 -32.03 -34.39 13.10
N LYS A 173 -30.94 -35.06 13.49
CA LYS A 173 -31.04 -36.40 14.10
C LYS A 173 -31.75 -36.33 15.46
N THR A 174 -31.60 -35.24 16.17
CA THR A 174 -32.24 -35.05 17.45
C THR A 174 -33.74 -34.78 17.30
N VAL A 175 -34.10 -33.96 16.32
CA VAL A 175 -35.52 -33.74 16.00
C VAL A 175 -36.19 -35.10 15.77
N GLU A 176 -35.59 -35.90 14.90
CA GLU A 176 -36.25 -37.11 14.45
C GLU A 176 -36.31 -38.21 15.51
N LEU A 177 -35.35 -38.21 16.43
CA LEU A 177 -35.46 -39.02 17.64
C LEU A 177 -36.60 -38.53 18.52
N LEU A 178 -36.67 -37.22 18.76
CA LEU A 178 -37.66 -36.65 19.67
C LEU A 178 -39.05 -36.80 19.10
N GLU A 179 -39.16 -36.80 17.77
CA GLU A 179 -40.44 -36.96 17.10
C GLU A 179 -40.93 -38.40 17.21
N LYS A 180 -40.02 -39.37 17.03
CA LYS A 180 -40.35 -40.79 17.19
C LYS A 180 -40.80 -41.03 18.65
N ARG A 181 -40.08 -40.42 19.59
CA ARG A 181 -40.45 -40.54 21.00
C ARG A 181 -41.78 -39.91 21.33
N TYR A 182 -41.98 -38.67 20.88
CA TYR A 182 -43.23 -37.97 21.11
C TYR A 182 -44.40 -38.81 20.52
N ALA A 183 -44.19 -39.39 19.34
CA ALA A 183 -45.17 -40.23 18.68
C ALA A 183 -45.56 -41.43 19.56
N ASN A 184 -44.58 -41.94 20.32
CA ASN A 184 -44.81 -43.09 21.19
C ASN A 184 -45.16 -42.67 22.62
N GLY A 185 -45.52 -41.41 22.85
CA GLY A 185 -45.91 -40.95 24.17
C GLY A 185 -44.78 -40.81 25.18
N LEU A 186 -43.53 -40.85 24.71
CA LEU A 186 -42.34 -40.77 25.57
C LEU A 186 -41.67 -39.38 25.62
N GLU A 187 -42.22 -38.40 24.90
CA GLU A 187 -41.70 -37.02 24.92
C GLU A 187 -42.85 -36.00 24.69
N THR A 188 -42.62 -34.75 25.07
CA THR A 188 -43.61 -33.70 24.87
C THR A 188 -43.45 -33.02 23.52
N LEU A 189 -44.48 -32.27 23.14
CA LEU A 189 -44.48 -31.49 21.89
C LEU A 189 -43.57 -30.24 22.04
N GLY A 190 -43.48 -29.72 23.27
CA GLY A 190 -42.60 -28.63 23.62
C GLY A 190 -41.16 -28.91 23.27
N SER A 191 -40.68 -30.09 23.63
CA SER A 191 -39.35 -30.54 23.34
C SER A 191 -39.13 -30.64 21.86
N VAL A 192 -40.10 -31.22 21.17
CA VAL A 192 -40.04 -31.40 19.75
C VAL A 192 -39.95 -30.03 19.08
N SER A 193 -40.75 -29.08 19.54
CA SER A 193 -40.84 -27.78 18.90
C SER A 193 -39.52 -27.01 19.13
N GLN A 194 -38.96 -27.15 20.31
CA GLN A 194 -37.70 -26.51 20.67
C GLN A 194 -36.59 -27.03 19.80
N ALA A 195 -36.58 -28.33 19.59
CA ALA A 195 -35.55 -28.98 18.80
C ALA A 195 -35.62 -28.58 17.36
N LYS A 196 -36.85 -28.42 16.87
CA LYS A 196 -37.04 -27.94 15.52
C LYS A 196 -36.59 -26.47 15.38
N ALA A 197 -36.80 -25.68 16.43
CA ALA A 197 -36.40 -24.28 16.44
C ALA A 197 -34.86 -24.21 16.42
N VAL A 198 -34.24 -25.04 17.25
CA VAL A 198 -32.77 -25.17 17.26
C VAL A 198 -32.25 -25.52 15.87
N ALA A 199 -32.83 -26.53 15.22
CA ALA A 199 -32.30 -27.01 13.93
C ALA A 199 -32.45 -25.93 12.83
N ALA A 200 -33.58 -25.22 12.86
CA ALA A 200 -33.86 -24.21 11.86
C ALA A 200 -32.84 -23.06 12.05
N SER A 201 -32.61 -22.69 13.30
CA SER A 201 -31.62 -21.69 13.65
C SER A 201 -30.19 -22.05 13.23
N VAL A 202 -29.80 -23.30 13.43
CA VAL A 202 -28.48 -23.77 13.01
C VAL A 202 -28.38 -23.76 11.51
N GLU A 203 -29.44 -24.17 10.81
CA GLU A 203 -29.44 -24.06 9.37
C GLU A 203 -29.38 -22.62 8.87
N ALA A 204 -30.10 -21.72 9.53
CA ALA A 204 -30.03 -20.31 9.19
C ALA A 204 -28.60 -19.77 9.34
N GLU A 205 -27.92 -20.18 10.40
CA GLU A 205 -26.50 -19.84 10.59
C GLU A 205 -25.63 -20.37 9.47
N LEU A 206 -25.83 -21.62 9.06
CA LEU A 206 -25.15 -22.19 7.94
C LEU A 206 -25.34 -21.42 6.62
N LEU A 207 -26.57 -20.94 6.39
CA LEU A 207 -26.86 -20.24 5.18
C LEU A 207 -26.12 -18.89 5.17
N GLY A 208 -26.05 -18.27 6.32
CA GLY A 208 -25.32 -17.03 6.50
C GLY A 208 -23.82 -17.24 6.25
N ILE A 209 -23.26 -18.32 6.78
CA ILE A 209 -21.88 -18.66 6.52
C ILE A 209 -21.61 -18.89 5.04
N GLN A 210 -22.52 -19.59 4.40
CA GLN A 210 -22.38 -19.87 2.99
C GLN A 210 -22.43 -18.59 2.14
N GLU A 211 -23.29 -17.67 2.49
CA GLU A 211 -23.29 -16.36 1.88
C GLU A 211 -21.94 -15.68 2.08
N SER A 212 -21.47 -15.60 3.32
CA SER A 212 -20.14 -15.03 3.60
C SER A 212 -19.03 -15.65 2.78
N ILE A 213 -19.06 -16.96 2.61
CA ILE A 213 -18.07 -17.65 1.78
C ILE A 213 -18.08 -17.09 0.39
N GLN A 214 -19.29 -16.96 -0.20
CA GLN A 214 -19.38 -16.45 -1.54
C GLN A 214 -18.97 -14.99 -1.65
N LEU A 215 -19.35 -14.16 -0.67
CA LEU A 215 -18.89 -12.81 -0.60
C LEU A 215 -17.38 -12.72 -0.50
N GLN A 216 -16.80 -13.61 0.27
CA GLN A 216 -15.35 -13.61 0.41
C GLN A 216 -14.64 -14.03 -0.88
N LYS A 217 -15.23 -14.96 -1.62
CA LYS A 217 -14.72 -15.29 -2.96
C LYS A 217 -14.81 -14.11 -3.94
N ASN A 218 -15.92 -13.38 -3.89
CA ASN A 218 -16.07 -12.19 -4.66
C ASN A 218 -14.93 -11.21 -4.32
N ALA A 219 -14.60 -11.07 -3.04
CA ALA A 219 -13.61 -10.09 -2.61
C ALA A 219 -12.21 -10.49 -3.11
N LEU A 220 -11.93 -11.77 -3.00
CA LEU A 220 -10.68 -12.34 -3.54
C LEU A 220 -10.55 -12.12 -5.04
N ALA A 221 -11.62 -12.32 -5.80
CA ALA A 221 -11.60 -12.04 -7.20
C ALA A 221 -11.22 -10.58 -7.46
N ALA A 222 -11.85 -9.65 -6.74
CA ALA A 222 -11.57 -8.23 -6.89
C ALA A 222 -10.11 -7.90 -6.49
N LEU A 223 -9.64 -8.54 -5.45
CA LEU A 223 -8.28 -8.30 -4.92
C LEU A 223 -7.22 -8.69 -5.93
N VAL A 224 -7.52 -9.65 -6.81
CA VAL A 224 -6.58 -10.04 -7.84
C VAL A 224 -6.90 -9.37 -9.17
N GLY A 225 -7.78 -8.38 -9.17
CA GLY A 225 -8.02 -7.56 -10.32
C GLY A 225 -8.93 -8.20 -11.29
N GLN A 226 -9.78 -9.11 -10.83
CA GLN A 226 -10.64 -9.80 -11.76
C GLN A 226 -12.09 -9.58 -11.44
N GLY A 227 -12.90 -9.83 -12.46
CA GLY A 227 -14.32 -9.75 -12.33
C GLY A 227 -14.76 -10.93 -11.50
N PRO A 228 -16.04 -10.98 -11.19
CA PRO A 228 -16.59 -12.04 -10.37
C PRO A 228 -16.65 -13.45 -10.94
N ASP A 229 -16.35 -13.69 -12.23
CA ASP A 229 -16.15 -15.04 -12.78
C ASP A 229 -14.92 -15.81 -12.25
N ARG A 230 -13.89 -15.08 -11.86
CA ARG A 230 -12.76 -15.66 -11.16
C ARG A 230 -13.18 -16.28 -9.82
N ALA A 231 -14.21 -15.73 -9.21
CA ALA A 231 -14.65 -16.22 -7.91
C ALA A 231 -15.24 -17.65 -7.99
N ALA A 232 -15.73 -18.00 -9.19
CA ALA A 232 -16.43 -19.27 -9.45
C ALA A 232 -15.52 -20.45 -9.41
N SER A 233 -14.23 -20.20 -9.58
CA SER A 233 -13.26 -21.27 -9.56
C SER A 233 -12.48 -21.26 -8.25
N ILE A 234 -12.86 -20.44 -7.29
CA ILE A 234 -12.19 -20.50 -6.00
C ILE A 234 -12.78 -21.59 -5.13
N GLU A 235 -11.93 -22.47 -4.63
CA GLU A 235 -12.34 -23.61 -3.81
C GLU A 235 -11.83 -23.47 -2.37
N GLU A 236 -12.25 -24.42 -1.53
CA GLU A 236 -11.75 -24.55 -0.18
C GLU A 236 -10.23 -24.51 -0.05
N PRO A 237 -9.72 -23.61 0.80
CA PRO A 237 -8.28 -23.56 1.08
C PRO A 237 -7.74 -24.80 1.74
N HIS A 238 -6.46 -25.04 1.57
CA HIS A 238 -5.75 -26.15 2.21
C HIS A 238 -4.42 -25.60 2.60
N ILE A 239 -4.40 -24.89 3.72
CA ILE A 239 -3.23 -24.20 4.24
C ILE A 239 -2.45 -25.13 5.17
N THR A 240 -1.15 -25.19 4.98
CA THR A 240 -0.26 -25.88 5.90
C THR A 240 0.48 -24.84 6.70
N LEU A 241 0.28 -24.88 8.00
CA LEU A 241 0.91 -23.96 8.92
C LEU A 241 2.05 -24.68 9.61
N THR A 242 3.26 -24.16 9.47
CA THR A 242 4.46 -24.63 10.15
C THR A 242 4.93 -23.56 11.14
N SER A 243 5.27 -23.94 12.38
CA SER A 243 5.95 -23.02 13.31
C SER A 243 7.34 -22.65 12.77
N ARG A 244 7.76 -21.42 13.05
CA ARG A 244 8.83 -20.77 12.28
C ARG A 244 10.26 -21.26 12.53
N TYR A 245 10.63 -21.33 13.82
CA TYR A 245 12.02 -21.49 14.33
C TYR A 245 12.55 -20.13 14.83
N VAL A 253 13.91 -4.04 17.79
CA VAL A 253 14.46 -2.88 17.04
C VAL A 253 15.37 -3.26 15.85
N GLY A 254 16.25 -4.26 16.05
CA GLY A 254 17.09 -4.78 14.98
C GLY A 254 16.26 -5.45 13.90
N LEU A 255 15.01 -5.75 14.24
CA LEU A 255 14.14 -6.46 13.32
C LEU A 255 13.35 -5.60 12.34
N LEU A 256 13.81 -4.37 12.11
CA LEU A 256 13.04 -3.40 11.31
C LEU A 256 13.58 -3.06 9.92
N GLY A 257 14.62 -3.77 9.47
CA GLY A 257 15.31 -3.40 8.24
C GLY A 257 14.65 -3.83 6.95
N HIS A 258 13.67 -4.71 7.03
CA HIS A 258 12.90 -4.99 5.82
C HIS A 258 11.63 -4.12 5.77
N ARG A 259 11.50 -3.12 6.66
CA ARG A 259 10.30 -2.27 6.61
C ARG A 259 10.54 -1.19 5.57
N ALA A 260 9.90 -1.36 4.42
CA ALA A 260 9.99 -0.38 3.35
C ALA A 260 9.38 0.97 3.77
N ASP A 261 8.38 0.99 4.64
CA ASP A 261 7.80 2.27 5.14
C ASP A 261 8.81 3.08 5.94
N ILE A 262 9.61 2.42 6.78
CA ILE A 262 10.67 3.09 7.52
C ILE A 262 11.72 3.59 6.54
N THR A 263 12.13 2.77 5.57
CA THR A 263 13.10 3.19 4.60
C THR A 263 12.62 4.43 3.85
N ALA A 264 11.37 4.39 3.40
CA ALA A 264 10.82 5.50 2.62
C ALA A 264 10.82 6.76 3.44
N ALA A 265 10.40 6.66 4.70
CA ALA A 265 10.36 7.84 5.56
C ALA A 265 11.75 8.35 5.86
N ARG A 266 12.71 7.45 6.01
CA ARG A 266 14.12 7.84 6.11
C ARG A 266 14.53 8.74 4.95
N TRP A 267 14.31 8.26 3.73
CA TRP A 267 14.75 8.96 2.55
C TRP A 267 13.99 10.31 2.40
N ARG A 268 12.76 10.36 2.85
CA ARG A 268 11.98 11.58 2.71
C ARG A 268 12.47 12.63 3.68
N ALA A 269 12.93 12.18 4.83
CA ALA A 269 13.59 13.08 5.79
C ALA A 269 14.94 13.61 5.25
N GLU A 270 15.72 12.73 4.57
CA GLU A 270 16.87 13.20 3.81
C GLU A 270 16.57 14.26 2.74
N ALA A 271 15.51 14.04 1.96
CA ALA A 271 15.09 14.94 0.92
C ALA A 271 14.73 16.30 1.52
N ALA A 272 13.98 16.26 2.62
CA ALA A 272 13.64 17.49 3.39
C ALA A 272 14.84 18.23 3.91
N ALA A 273 15.85 17.53 4.43
CA ALA A 273 17.08 18.11 4.89
C ALA A 273 17.76 18.86 3.77
N GLN A 274 17.82 18.25 2.59
CA GLN A 274 18.43 18.87 1.41
C GLN A 274 17.67 20.15 1.03
N GLN A 275 16.34 20.11 1.14
CA GLN A 275 15.51 21.27 0.85
C GLN A 275 15.77 22.44 1.83
N VAL A 276 16.17 22.14 3.05
CA VAL A 276 16.59 23.16 3.99
C VAL A 276 17.86 23.78 3.43
N GLY A 277 18.77 22.93 2.93
CA GLY A 277 19.96 23.45 2.31
C GLY A 277 19.69 24.37 1.12
N ILE A 278 18.76 23.99 0.26
CA ILE A 278 18.39 24.80 -0.87
C ILE A 278 17.95 26.17 -0.36
N ALA A 279 17.09 26.18 0.66
CA ALA A 279 16.52 27.43 1.16
C ALA A 279 17.61 28.33 1.74
N GLN A 280 18.55 27.73 2.43
CA GLN A 280 19.71 28.46 2.89
C GLN A 280 20.55 29.05 1.75
N ALA A 281 20.75 28.26 0.66
CA ALA A 281 21.56 28.68 -0.44
C ALA A 281 20.95 29.79 -1.26
N GLN A 282 19.64 29.97 -1.15
CA GLN A 282 18.94 31.04 -1.84
CA GLN A 282 18.94 31.05 -1.84
C GLN A 282 19.32 32.44 -1.34
N PHE A 283 19.90 32.51 -0.15
CA PHE A 283 20.43 33.77 0.33
C PHE A 283 21.75 34.20 -0.32
N TYR A 284 22.43 33.26 -0.98
CA TYR A 284 23.72 33.46 -1.56
C TYR A 284 23.63 33.85 -3.04
N PRO A 285 24.70 34.45 -3.55
CA PRO A 285 24.68 34.90 -4.94
C PRO A 285 24.44 33.76 -5.91
N ASP A 286 23.58 33.96 -6.88
CA ASP A 286 23.42 33.01 -7.96
C ASP A 286 24.23 33.41 -9.19
N VAL A 287 25.13 32.52 -9.68
CA VAL A 287 26.01 32.86 -10.77
C VAL A 287 25.62 31.96 -11.97
N THR A 288 25.36 32.59 -13.10
CA THR A 288 24.84 31.89 -14.29
C THR A 288 25.78 32.24 -15.43
N LEU A 289 25.71 31.46 -16.50
CA LEU A 289 26.44 31.73 -17.68
C LEU A 289 25.43 31.63 -18.84
N SER A 290 25.49 32.60 -19.74
CA SER A 290 24.62 32.63 -20.92
C SER A 290 25.46 32.89 -22.13
N ALA A 291 24.98 32.44 -23.27
CA ALA A 291 25.65 32.70 -24.48
C ALA A 291 24.68 32.53 -25.65
N PHE A 292 25.02 33.17 -26.74
CA PHE A 292 24.33 32.91 -28.01
C PHE A 292 25.21 33.17 -29.16
N ILE A 293 24.83 32.61 -30.32
CA ILE A 293 25.50 32.88 -31.53
C ILE A 293 24.47 32.76 -32.63
N GLY A 294 24.61 33.55 -33.62
CA GLY A 294 23.68 33.55 -34.75
C GLY A 294 23.79 34.77 -35.62
N TYR A 295 22.64 35.12 -36.22
CA TYR A 295 22.50 36.15 -37.19
C TYR A 295 21.32 37.09 -36.77
N GLN A 296 21.55 38.35 -37.01
CA GLN A 296 20.56 39.42 -36.79
C GLN A 296 20.74 40.40 -37.92
N ALA A 297 19.61 40.81 -38.57
CA ALA A 297 19.69 41.73 -39.65
C ALA A 297 18.44 42.61 -39.84
N PHE A 298 18.72 43.83 -40.22
CA PHE A 298 17.76 44.76 -40.84
C PHE A 298 17.67 44.25 -42.27
N GLY A 299 16.53 43.69 -42.64
CA GLY A 299 16.28 43.12 -43.94
C GLY A 299 16.45 41.63 -43.87
N LEU A 300 15.36 40.89 -43.93
CA LEU A 300 15.41 39.43 -43.88
C LEU A 300 16.28 38.82 -44.95
N ASP A 301 16.33 39.47 -46.12
CA ASP A 301 17.18 38.99 -47.23
C ASP A 301 18.66 39.25 -46.94
N HIS A 302 18.96 39.94 -45.85
CA HIS A 302 20.33 40.16 -45.44
C HIS A 302 20.78 39.38 -44.20
N LEU A 303 19.95 38.43 -43.76
CA LEU A 303 20.12 37.75 -42.49
C LEU A 303 21.51 37.10 -42.39
N PHE A 304 21.94 36.55 -43.53
CA PHE A 304 23.20 35.82 -43.59
C PHE A 304 24.42 36.55 -44.13
N ASP A 305 24.29 37.84 -44.43
CA ASP A 305 25.33 38.69 -44.96
C ASP A 305 26.52 38.68 -44.03
N SER A 306 27.70 38.70 -44.65
CA SER A 306 28.93 38.95 -43.88
C SER A 306 28.76 40.19 -42.95
N GLY A 307 29.13 40.03 -41.70
CA GLY A 307 29.04 41.08 -40.67
C GLY A 307 27.77 41.11 -39.82
N ASN A 308 26.74 40.35 -40.23
CA ASN A 308 25.47 40.25 -39.51
C ASN A 308 25.39 39.13 -38.59
N ASP A 309 26.55 38.47 -38.33
CA ASP A 309 26.57 37.58 -37.24
C ASP A 309 26.62 38.39 -35.96
N ALA A 310 26.10 37.76 -34.92
CA ALA A 310 26.07 38.34 -33.56
C ALA A 310 26.23 37.21 -32.58
N GLY A 311 26.84 37.54 -31.45
CA GLY A 311 27.03 36.55 -30.44
C GLY A 311 27.48 37.19 -29.14
N ALA A 312 27.34 36.44 -28.10
CA ALA A 312 27.79 36.84 -26.79
C ALA A 312 27.99 35.70 -25.83
N ILE A 313 28.88 35.90 -24.85
CA ILE A 313 29.01 35.01 -23.77
C ILE A 313 29.33 35.80 -22.52
N GLY A 314 28.80 35.34 -21.42
CA GLY A 314 29.27 35.84 -20.13
C GLY A 314 28.52 35.41 -18.91
N PRO A 315 29.21 35.51 -17.80
CA PRO A 315 28.60 35.20 -16.51
C PRO A 315 27.74 36.40 -16.03
N ALA A 316 26.70 36.11 -15.27
CA ALA A 316 25.89 37.14 -14.56
C ALA A 316 25.82 36.67 -13.10
N ILE A 317 25.67 37.59 -12.14
CA ILE A 317 25.50 37.17 -10.77
C ILE A 317 24.31 37.99 -10.25
N TYR A 318 23.46 37.37 -9.46
CA TYR A 318 22.36 38.03 -8.78
C TYR A 318 22.47 37.69 -7.31
N LEU A 319 22.37 38.68 -6.43
CA LEU A 319 22.42 38.46 -5.02
C LEU A 319 21.18 39.24 -4.44
N PRO A 320 20.21 38.57 -3.89
CA PRO A 320 19.06 39.23 -3.27
C PRO A 320 19.59 40.00 -2.08
N LEU A 321 19.11 41.20 -1.82
CA LEU A 321 19.62 41.99 -0.67
C LEU A 321 18.52 42.19 0.35
N PHE A 322 17.27 42.25 -0.10
CA PHE A 322 16.16 42.41 0.80
C PHE A 322 14.92 41.90 0.04
N THR A 323 14.22 40.95 0.61
CA THR A 323 13.06 40.38 -0.05
C THR A 323 11.84 40.48 0.80
N GLY A 324 11.97 41.09 1.98
CA GLY A 324 10.81 41.33 2.81
C GLY A 324 10.18 40.10 3.40
N GLY A 325 10.90 38.95 3.52
CA GLY A 325 10.31 37.78 4.09
C GLY A 325 10.20 36.61 3.13
N ARG A 326 10.43 36.81 1.84
CA ARG A 326 10.29 35.70 0.89
C ARG A 326 11.34 34.65 1.23
N LEU A 327 12.62 35.03 1.24
CA LEU A 327 13.72 34.03 1.49
C LEU A 327 13.62 33.46 2.89
N GLU A 328 13.26 34.34 3.83
CA GLU A 328 13.24 33.99 5.23
C GLU A 328 12.11 33.00 5.51
N GLY A 329 10.91 33.35 5.02
CA GLY A 329 9.75 32.51 5.15
C GLY A 329 9.96 31.15 4.45
N GLN A 330 10.63 31.14 3.31
CA GLN A 330 10.89 29.90 2.57
C GLN A 330 11.78 28.97 3.39
N LEU A 331 12.75 29.58 4.07
CA LEU A 331 13.63 28.82 4.96
C LEU A 331 12.84 28.29 6.15
N THR A 332 12.01 29.11 6.80
CA THR A 332 11.15 28.60 7.86
C THR A 332 10.27 27.43 7.40
N SER A 333 9.65 27.54 6.24
CA SER A 333 8.80 26.50 5.71
C SER A 333 9.63 25.23 5.43
N ALA A 334 10.84 25.40 4.94
CA ALA A 334 11.69 24.23 4.61
C ALA A 334 12.10 23.58 5.94
N GLU A 335 12.44 24.36 6.96
CA GLU A 335 12.80 23.77 8.27
C GLU A 335 11.64 23.00 8.82
N ALA A 336 10.44 23.56 8.73
CA ALA A 336 9.22 22.94 9.19
C ALA A 336 8.96 21.60 8.46
N ARG A 337 9.17 21.60 7.17
CA ARG A 337 8.98 20.36 6.41
C ARG A 337 10.00 19.31 6.91
N TYR A 338 11.25 19.70 7.15
CA TYR A 338 12.24 18.76 7.70
C TYR A 338 11.82 18.19 9.03
N GLN A 339 11.36 19.06 9.91
CA GLN A 339 10.91 18.65 11.22
C GLN A 339 9.73 17.70 11.14
N GLU A 340 8.77 17.98 10.24
CA GLU A 340 7.66 17.15 9.99
C GLU A 340 8.13 15.77 9.51
N ALA A 341 9.05 15.78 8.54
CA ALA A 341 9.54 14.52 7.97
C ALA A 341 10.27 13.65 8.99
N VAL A 342 11.01 14.28 9.91
CA VAL A 342 11.71 13.56 10.98
C VAL A 342 10.68 12.97 11.93
N ALA A 343 9.63 13.75 12.21
CA ALA A 343 8.60 13.28 13.11
C ALA A 343 7.85 12.13 12.46
N GLN A 344 7.63 12.24 11.14
CA GLN A 344 6.99 11.19 10.39
C GLN A 344 7.82 9.89 10.44
N TYR A 345 9.14 10.02 10.31
CA TYR A 345 10.03 8.87 10.41
C TYR A 345 9.88 8.25 11.82
N ASN A 346 9.95 9.09 12.86
CA ASN A 346 9.86 8.65 14.23
C ASN A 346 8.56 7.93 14.47
N GLY A 347 7.45 8.49 13.94
CA GLY A 347 6.16 7.90 14.08
C GLY A 347 6.13 6.53 13.44
N THR A 348 6.80 6.41 12.30
CA THR A 348 6.80 5.16 11.54
C THR A 348 7.55 4.11 12.32
N LEU A 349 8.68 4.48 12.97
CA LEU A 349 9.41 3.59 13.84
CA LEU A 349 9.43 3.57 13.84
C LEU A 349 8.52 3.12 14.99
N VAL A 350 7.84 4.07 15.62
CA VAL A 350 6.98 3.76 16.76
C VAL A 350 5.87 2.80 16.33
N GLN A 351 5.21 3.09 15.23
CA GLN A 351 4.16 2.26 14.74
C GLN A 351 4.65 0.86 14.34
N ALA A 352 5.85 0.76 13.79
CA ALA A 352 6.39 -0.54 13.39
C ALA A 352 6.70 -1.38 14.63
N LEU A 353 7.27 -0.75 15.66
CA LEU A 353 7.55 -1.43 16.89
C LEU A 353 6.23 -1.88 17.58
N HIS A 354 5.16 -1.10 17.45
CA HIS A 354 3.87 -1.40 18.04
C HIS A 354 3.34 -2.66 17.33
N GLU A 355 3.45 -2.66 16.02
CA GLU A 355 2.91 -3.75 15.20
C GLU A 355 3.61 -5.07 15.52
N ILE A 356 4.93 -4.99 15.62
CA ILE A 356 5.73 -6.16 16.02
C ILE A 356 5.45 -6.59 17.45
N ALA A 357 5.32 -5.62 18.38
CA ALA A 357 4.99 -5.92 19.74
C ALA A 357 3.66 -6.65 19.85
N ASP A 358 2.68 -6.26 19.02
CA ASP A 358 1.34 -6.87 19.06
C ASP A 358 1.38 -8.29 18.53
N VAL A 359 2.12 -8.50 17.45
CA VAL A 359 2.25 -9.84 16.89
C VAL A 359 2.86 -10.79 17.93
N VAL A 360 3.87 -10.32 18.61
CA VAL A 360 4.54 -11.08 19.68
C VAL A 360 3.57 -11.35 20.82
N THR A 361 2.88 -10.31 21.26
CA THR A 361 1.91 -10.47 22.32
C THR A 361 0.88 -11.53 21.97
N SER A 362 0.34 -11.46 20.77
CA SER A 362 -0.76 -12.31 20.42
C SER A 362 -0.27 -13.74 20.12
N SER A 363 0.89 -13.82 19.51
CA SER A 363 1.51 -15.10 19.20
C SER A 363 1.79 -15.87 20.48
N GLN A 364 2.35 -15.21 21.47
CA GLN A 364 2.62 -15.81 22.77
C GLN A 364 1.35 -16.20 23.54
N ALA A 365 0.29 -15.42 23.42
CA ALA A 365 -0.98 -15.77 24.05
C ALA A 365 -1.75 -16.94 23.39
N LEU A 366 -1.46 -17.26 22.15
CA LEU A 366 -2.39 -18.04 21.36
C LEU A 366 -2.48 -19.47 21.89
N GLN A 367 -1.34 -20.07 22.23
CA GLN A 367 -1.38 -21.52 22.53
C GLN A 367 -2.26 -21.83 23.73
N ALA A 368 -2.16 -21.06 24.79
CA ALA A 368 -2.96 -21.26 25.98
C ALA A 368 -4.44 -21.04 25.72
N ARG A 369 -4.76 -20.01 24.91
CA ARG A 369 -6.15 -19.81 24.46
C ARG A 369 -6.72 -21.05 23.75
N ILE A 370 -5.96 -21.57 22.79
CA ILE A 370 -6.33 -22.74 22.06
C ILE A 370 -6.51 -23.94 23.02
N ASN A 371 -5.56 -24.10 23.92
CA ASN A 371 -5.54 -25.20 24.90
C ASN A 371 -6.80 -25.21 25.74
N LYS A 372 -7.10 -24.07 26.37
CA LYS A 372 -8.30 -23.98 27.19
C LYS A 372 -9.55 -24.17 26.35
N THR A 373 -9.55 -23.64 25.13
CA THR A 373 -10.74 -23.78 24.30
C THR A 373 -10.90 -25.26 23.82
N GLU A 374 -9.79 -25.93 23.53
CA GLU A 374 -9.83 -27.38 23.23
C GLU A 374 -10.42 -28.17 24.40
N GLN A 375 -10.01 -27.84 25.60
CA GLN A 375 -10.54 -28.45 26.80
C GLN A 375 -12.06 -28.19 26.93
N ALA A 376 -12.53 -26.97 26.64
CA ALA A 376 -13.96 -26.71 26.69
C ALA A 376 -14.68 -27.56 25.64
N VAL A 377 -14.12 -27.67 24.44
CA VAL A 377 -14.71 -28.51 23.40
C VAL A 377 -14.84 -29.95 23.88
N GLN A 378 -13.73 -30.52 24.32
CA GLN A 378 -13.73 -31.92 24.73
C GLN A 378 -14.62 -32.22 25.90
N GLN A 379 -14.66 -31.35 26.90
CA GLN A 379 -15.56 -31.57 28.03
C GLN A 379 -17.02 -31.37 27.65
N ALA A 380 -17.28 -30.42 26.75
CA ALA A 380 -18.64 -30.26 26.30
C ALA A 380 -19.08 -31.47 25.46
N GLU A 381 -18.13 -32.05 24.72
CA GLU A 381 -18.44 -33.17 23.87
C GLU A 381 -18.80 -34.37 24.76
N GLN A 382 -18.01 -34.59 25.81
CA GLN A 382 -18.37 -35.59 26.83
C GLN A 382 -19.72 -35.32 27.45
N ALA A 383 -19.98 -34.07 27.83
CA ALA A 383 -21.27 -33.72 28.40
C ALA A 383 -22.42 -34.09 27.50
N LEU A 384 -22.28 -33.85 26.21
CA LEU A 384 -23.32 -34.10 25.24
C LEU A 384 -23.51 -35.60 25.08
N HIS A 385 -22.40 -36.32 24.96
CA HIS A 385 -22.40 -37.79 24.81
C HIS A 385 -23.14 -38.40 25.99
N ILE A 386 -22.83 -37.99 27.22
CA ILE A 386 -23.51 -38.50 28.38
C ILE A 386 -24.98 -38.09 28.37
N ALA A 387 -25.26 -36.82 27.98
CA ALA A 387 -26.63 -36.34 28.00
C ALA A 387 -27.49 -37.11 27.00
N THR A 388 -26.92 -37.43 25.84
CA THR A 388 -27.71 -38.11 24.81
C THR A 388 -27.85 -39.61 25.11
N ASN A 389 -26.81 -40.25 25.65
CA ASN A 389 -26.92 -41.65 26.11
C ASN A 389 -28.02 -41.75 27.12
N ARG A 390 -27.95 -40.90 28.15
CA ARG A 390 -28.98 -40.83 29.17
C ARG A 390 -30.35 -40.52 28.57
N TYR A 391 -30.38 -39.71 27.52
CA TYR A 391 -31.66 -39.43 26.87
C TYR A 391 -32.16 -40.68 26.13
N GLN A 392 -31.33 -41.32 25.34
CA GLN A 392 -31.72 -42.51 24.61
C GLN A 392 -32.13 -43.65 25.59
N GLY A 393 -32.03 -43.40 26.91
CA GLY A 393 -32.43 -44.34 27.95
C GLY A 393 -33.30 -43.77 29.06
N GLY A 394 -33.90 -42.61 28.88
CA GLY A 394 -34.88 -42.11 29.84
C GLY A 394 -34.42 -41.79 31.25
N LEU A 395 -33.29 -41.09 31.39
CA LEU A 395 -32.81 -40.62 32.70
C LEU A 395 -32.56 -39.11 32.75
N ALA A 396 -32.34 -38.51 31.58
CA ALA A 396 -32.16 -37.07 31.48
C ALA A 396 -33.18 -36.46 30.52
N THR A 397 -33.45 -35.18 30.72
CA THR A 397 -34.31 -34.41 29.83
C THR A 397 -33.67 -34.02 28.48
N TYR A 398 -34.53 -33.56 27.58
CA TYR A 398 -34.09 -32.97 26.32
C TYR A 398 -33.28 -31.70 26.65
N LEU A 399 -33.71 -30.94 27.64
CA LEU A 399 -33.02 -29.72 28.03
C LEU A 399 -31.52 -29.95 28.28
N ASP A 400 -31.18 -31.06 28.94
CA ASP A 400 -29.76 -31.34 29.16
C ASP A 400 -29.03 -31.49 27.87
N VAL A 401 -29.69 -32.13 26.90
CA VAL A 401 -29.15 -32.30 25.59
C VAL A 401 -28.99 -30.94 24.88
N LEU A 402 -30.03 -30.11 24.90
CA LEU A 402 -29.97 -28.81 24.24
C LEU A 402 -28.80 -27.97 24.77
N VAL A 403 -28.62 -27.94 26.08
CA VAL A 403 -27.61 -27.12 26.73
C VAL A 403 -26.24 -27.59 26.35
N ALA A 404 -26.04 -28.91 26.35
CA ALA A 404 -24.79 -29.47 25.94
C ALA A 404 -24.48 -29.26 24.46
N GLU A 405 -25.47 -29.45 23.59
CA GLU A 405 -25.31 -29.26 22.17
C GLU A 405 -24.84 -27.81 21.88
N GLU A 406 -25.48 -26.88 22.57
CA GLU A 406 -25.24 -25.44 22.36
C GLU A 406 -23.81 -25.06 22.83
N SER A 407 -23.47 -25.54 24.02
CA SER A 407 -22.16 -25.34 24.62
C SER A 407 -21.09 -25.91 23.70
N LEU A 408 -21.31 -27.13 23.18
CA LEU A 408 -20.37 -27.77 22.25
C LEU A 408 -20.14 -26.96 21.00
N LEU A 409 -21.21 -26.61 20.32
CA LEU A 409 -21.13 -25.82 19.11
C LEU A 409 -20.44 -24.48 19.36
N ASN A 410 -20.76 -23.78 20.43
CA ASN A 410 -20.17 -22.47 20.70
C ASN A 410 -18.65 -22.62 20.86
N ASN A 411 -18.24 -23.67 21.58
CA ASN A 411 -16.82 -23.92 21.82
C ASN A 411 -16.07 -24.41 20.58
N GLN A 412 -16.73 -25.20 19.74
CA GLN A 412 -16.16 -25.66 18.50
C GLN A 412 -15.90 -24.49 17.57
N ARG A 413 -16.84 -23.55 17.50
CA ARG A 413 -16.63 -22.39 16.65
C ARG A 413 -15.51 -21.52 17.18
N ALA A 414 -15.47 -21.34 18.51
CA ALA A 414 -14.39 -20.57 19.14
C ALA A 414 -13.06 -21.20 18.82
N LEU A 415 -13.00 -22.51 18.91
CA LEU A 415 -11.76 -23.20 18.56
C LEU A 415 -11.32 -23.03 17.14
N VAL A 416 -12.24 -23.20 16.18
CA VAL A 416 -11.93 -23.05 14.76
C VAL A 416 -11.45 -21.60 14.54
N ASN A 417 -12.07 -20.62 15.20
CA ASN A 417 -11.64 -19.26 14.99
C ASN A 417 -10.21 -19.00 15.54
N LEU A 418 -9.86 -19.65 16.64
CA LEU A 418 -8.49 -19.56 17.23
C LEU A 418 -7.42 -20.27 16.41
N GLN A 419 -7.80 -21.40 15.83
CA GLN A 419 -6.94 -22.11 14.86
C GLN A 419 -6.67 -21.26 13.63
N SER A 420 -7.71 -20.61 13.11
CA SER A 420 -7.54 -19.65 12.04
C SER A 420 -6.67 -18.46 12.42
N ARG A 421 -6.78 -18.05 13.68
CA ARG A 421 -5.98 -16.98 14.19
C ARG A 421 -4.49 -17.27 14.09
N ALA A 422 -4.11 -18.53 14.19
CA ALA A 422 -2.69 -18.91 14.07
C ALA A 422 -2.16 -18.54 12.70
N PHE A 423 -2.96 -18.78 11.66
CA PHE A 423 -2.61 -18.39 10.30
C PHE A 423 -2.56 -16.86 10.19
N SER A 424 -3.58 -16.18 10.73
CA SER A 424 -3.62 -14.74 10.70
C SER A 424 -2.44 -14.09 11.36
N LEU A 425 -2.03 -14.64 12.49
CA LEU A 425 -0.86 -14.14 13.21
C LEU A 425 0.44 -14.37 12.46
N ASP A 426 0.52 -15.48 11.73
CA ASP A 426 1.71 -15.72 10.94
C ASP A 426 1.77 -14.65 9.87
N LEU A 427 0.62 -14.38 9.22
CA LEU A 427 0.58 -13.32 8.24
C LEU A 427 0.86 -11.95 8.84
N ALA A 428 0.38 -11.69 10.06
CA ALA A 428 0.64 -10.43 10.74
C ALA A 428 2.14 -10.24 11.02
N LEU A 429 2.82 -11.34 11.26
CA LEU A 429 4.26 -11.27 11.49
C LEU A 429 4.95 -10.89 10.19
N ILE A 430 4.55 -11.51 9.09
CA ILE A 430 5.17 -11.25 7.83
C ILE A 430 4.97 -9.78 7.48
N HIS A 431 3.74 -9.30 7.69
CA HIS A 431 3.47 -7.87 7.47
C HIS A 431 4.29 -6.96 8.37
N ALA A 432 4.43 -7.31 9.64
CA ALA A 432 5.11 -6.48 10.62
C ALA A 432 6.59 -6.42 10.33
N LEU A 433 7.14 -7.50 9.78
CA LEU A 433 8.55 -7.54 9.41
C LEU A 433 8.79 -6.88 8.05
N GLY A 434 7.74 -6.62 7.29
CA GLY A 434 7.85 -5.94 6.01
C GLY A 434 8.14 -6.90 4.88
N GLY A 435 7.87 -8.18 5.10
CA GLY A 435 8.06 -9.19 4.09
C GLY A 435 9.52 -9.55 3.96
N GLY A 436 9.86 -10.10 2.81
CA GLY A 436 11.23 -10.53 2.54
C GLY A 436 11.75 -10.20 1.17
N PHE A 437 11.14 -9.22 0.48
CA PHE A 437 11.59 -8.85 -0.87
C PHE A 437 13.07 -8.41 -0.79
N GLU A 438 13.88 -8.94 -1.71
CA GLU A 438 15.35 -8.95 -1.62
C GLU A 438 15.98 -9.19 -2.98
C1 BOG B . 28.80 33.07 -39.55
O1 BOG B . 28.42 32.35 -38.45
C2 BOG B . 30.20 32.65 -40.11
O2 BOG B . 31.09 32.07 -39.13
C3 BOG B . 30.72 33.71 -41.03
O3 BOG B . 31.91 33.38 -41.68
C4 BOG B . 29.93 34.91 -41.51
O4 BOG B . 30.60 36.11 -41.86
C5 BOG B . 28.66 35.20 -40.70
O5 BOG B . 28.17 34.30 -39.81
C6 BOG B . 27.63 36.17 -41.30
O6 BOG B . 27.20 35.39 -42.48
C1' BOG B . 27.35 32.74 -37.59
C2' BOG B . 26.58 31.56 -37.13
C3' BOG B . 27.44 30.39 -36.65
C4' BOG B . 26.60 29.29 -36.06
C5' BOG B . 27.48 28.16 -35.57
C6' BOG B . 26.74 27.16 -34.68
C7' BOG B . 26.07 26.03 -35.44
C8' BOG B . 25.60 24.95 -34.47
HG HG C . 0.78 -2.98 -15.47
HG HG D . 1.27 -0.21 -14.88
#